data_5LTF
#
_entry.id   5LTF
#
_cell.length_a   108.361
_cell.length_b   108.361
_cell.length_c   54.106
_cell.angle_alpha   90.00
_cell.angle_beta   90.00
_cell.angle_gamma   90.00
#
_symmetry.space_group_name_H-M   'P 41'
#
loop_
_entity.id
_entity.type
_entity.pdbx_description
1 polymer 'RNA-directed RNA polymerase L'
2 non-polymer 'MAGNESIUM ION'
3 water water
#
_entity_poly.entity_id   1
_entity_poly.type   'polypeptide(L)'
_entity_poly.pdbx_seq_one_letter_code
;MKHHHHHHDEIISELRELCLNYIEQDERLSRQKLNFLGQREPRMVLIEGLKLLSRCIEIDSADKSGCTHNHDDKSVETIL
VESGIVCPGLPLIIPDGYKLIDNSLILLECFVRSTPASFEKKFIEDTNKLACIREDLAVAGVTLVPIVDGRCDYDNSFMP
EWANFKFRDLLFKLLEYSNQDEKVFEESEYFRLCESLKTTIDKR
;
_entity_poly.pdbx_strand_id   B,A
#
# COMPACT_ATOMS: atom_id res chain seq x y z
N HIS A 4 -32.76 2.96 2.52
CA HIS A 4 -31.58 3.60 1.92
C HIS A 4 -31.19 3.08 0.53
N HIS A 5 -31.21 1.76 0.25
CA HIS A 5 -31.65 0.66 1.12
C HIS A 5 -30.45 -0.19 1.60
N HIS A 6 -30.62 -1.53 1.75
CA HIS A 6 -29.49 -2.38 2.19
C HIS A 6 -29.69 -3.79 1.62
N HIS A 7 -29.49 -3.91 0.29
CA HIS A 7 -29.81 -5.11 -0.48
C HIS A 7 -28.63 -6.04 -0.74
N HIS A 8 -27.40 -5.59 -0.43
CA HIS A 8 -26.11 -6.30 -0.45
C HIS A 8 -25.06 -5.45 -1.16
N ASP A 9 -25.42 -4.85 -2.29
CA ASP A 9 -24.48 -3.93 -2.92
C ASP A 9 -24.33 -2.66 -2.08
N GLU A 10 -25.30 -2.35 -1.22
CA GLU A 10 -25.12 -1.20 -0.36
C GLU A 10 -24.33 -1.57 0.89
N ILE A 11 -24.50 -2.79 1.39
CA ILE A 11 -23.59 -3.30 2.42
C ILE A 11 -22.15 -3.20 1.93
N ILE A 12 -21.88 -3.68 0.71
CA ILE A 12 -20.53 -3.61 0.17
C ILE A 12 -20.07 -2.17 0.15
N SER A 13 -20.94 -1.28 -0.31
CA SER A 13 -20.62 0.15 -0.34
C SER A 13 -20.28 0.68 1.04
N GLU A 14 -21.07 0.32 2.07
CA GLU A 14 -20.78 0.81 3.40
C GLU A 14 -19.46 0.24 3.94
N LEU A 15 -19.10 -0.99 3.55
CA LEU A 15 -17.82 -1.52 4.00
C LEU A 15 -16.67 -0.72 3.41
N ARG A 16 -16.80 -0.33 2.13
CA ARG A 16 -15.75 0.43 1.50
C ARG A 16 -15.60 1.81 2.13
N GLU A 17 -16.71 2.44 2.50
CA GLU A 17 -16.63 3.73 3.15
C GLU A 17 -16.00 3.60 4.55
N LEU A 18 -16.26 2.49 5.23
CA LEU A 18 -15.65 2.27 6.54
C LEU A 18 -14.16 2.10 6.39
N CYS A 19 -13.75 1.29 5.42
CA CYS A 19 -12.34 1.07 5.14
C CYS A 19 -11.63 2.39 4.78
N LEU A 20 -12.26 3.24 3.96
CA LEU A 20 -11.60 4.46 3.49
C LEU A 20 -11.62 5.57 4.53
N ASN A 21 -12.68 5.68 5.34
CA ASN A 21 -12.80 6.80 6.27
C ASN A 21 -12.30 6.52 7.67
N TYR A 22 -12.19 5.25 8.09
CA TYR A 22 -11.95 4.97 9.51
C TYR A 22 -10.93 3.89 9.78
N ILE A 23 -10.22 3.38 8.79
CA ILE A 23 -9.04 2.56 9.04
C ILE A 23 -7.82 3.44 8.79
N GLU A 24 -7.03 3.65 9.85
CA GLU A 24 -5.89 4.56 9.77
C GLU A 24 -5.02 4.21 8.57
N GLN A 25 -4.36 5.22 8.02
CA GLN A 25 -3.67 5.07 6.73
C GLN A 25 -2.22 4.66 6.95
N ASP A 26 -2.05 3.43 7.41
CA ASP A 26 -0.73 2.85 7.65
C ASP A 26 -0.28 2.09 6.39
N GLU A 27 0.96 2.32 6.00
CA GLU A 27 1.49 1.74 4.76
C GLU A 27 1.37 0.21 4.75
N ARG A 28 1.45 -0.44 5.91
CA ARG A 28 1.40 -1.89 5.89
C ARG A 28 0.01 -2.44 5.65
N LEU A 29 -1.02 -1.59 5.64
CA LEU A 29 -2.36 -2.01 5.27
C LEU A 29 -2.73 -1.68 3.83
N SER A 30 -1.91 -0.87 3.15
CA SER A 30 -2.25 -0.40 1.81
C SER A 30 -2.57 -1.55 0.85
N ARG A 31 -1.73 -2.57 0.81
CA ARG A 31 -1.95 -3.68 -0.09
C ARG A 31 -3.29 -4.36 0.20
N GLN A 32 -3.56 -4.69 1.48
CA GLN A 32 -4.78 -5.43 1.77
C GLN A 32 -6.04 -4.55 1.63
N LYS A 33 -5.93 -3.25 1.96
CA LYS A 33 -7.05 -2.34 1.68
C LYS A 33 -7.39 -2.33 0.19
N LEU A 34 -6.35 -2.28 -0.66
CA LEU A 34 -6.56 -2.25 -2.10
C LEU A 34 -7.20 -3.56 -2.59
N ASN A 35 -6.73 -4.71 -2.10
CA ASN A 35 -7.35 -5.98 -2.47
C ASN A 35 -8.80 -6.03 -2.00
N PHE A 36 -9.10 -5.41 -0.85
CA PHE A 36 -10.47 -5.42 -0.37
C PHE A 36 -11.36 -4.52 -1.23
N LEU A 37 -10.90 -3.30 -1.52
CA LEU A 37 -11.66 -2.38 -2.37
C LEU A 37 -11.86 -2.91 -3.79
N GLY A 38 -10.98 -3.78 -4.26
CA GLY A 38 -11.10 -4.33 -5.59
C GLY A 38 -12.17 -5.38 -5.78
N GLN A 39 -12.72 -5.94 -4.70
CA GLN A 39 -13.70 -7.01 -4.82
C GLN A 39 -15.10 -6.46 -5.07
N ARG A 40 -15.88 -7.23 -5.84
CA ARG A 40 -17.28 -6.93 -6.09
C ARG A 40 -18.19 -8.12 -5.86
N GLU A 41 -17.67 -9.35 -5.88
CA GLU A 41 -18.56 -10.45 -5.52
C GLU A 41 -18.67 -10.58 -4.01
N PRO A 42 -19.89 -10.81 -3.49
CA PRO A 42 -20.11 -10.72 -2.03
C PRO A 42 -19.25 -11.66 -1.21
N ARG A 43 -19.14 -12.95 -1.58
CA ARG A 43 -18.28 -13.82 -0.76
C ARG A 43 -16.82 -13.40 -0.84
N MET A 44 -16.39 -12.78 -1.95
CA MET A 44 -15.03 -12.28 -2.04
C MET A 44 -14.81 -11.05 -1.17
N VAL A 45 -15.78 -10.12 -1.17
CA VAL A 45 -15.69 -8.94 -0.33
C VAL A 45 -15.61 -9.36 1.12
N LEU A 46 -16.44 -10.35 1.50
CA LEU A 46 -16.43 -10.89 2.84
C LEU A 46 -15.06 -11.47 3.21
N ILE A 47 -14.48 -12.27 2.30
CA ILE A 47 -13.22 -12.92 2.62
C ILE A 47 -12.10 -11.90 2.82
N GLU A 48 -12.01 -10.92 1.92
CA GLU A 48 -10.93 -9.96 1.99
C GLU A 48 -11.17 -8.90 3.06
N GLY A 49 -12.42 -8.70 3.47
CA GLY A 49 -12.68 -7.89 4.64
C GLY A 49 -12.18 -8.56 5.92
N LEU A 50 -12.47 -9.86 6.06
CA LEU A 50 -11.95 -10.58 7.21
C LEU A 50 -10.44 -10.59 7.22
N LYS A 51 -9.82 -10.71 6.03
CA LYS A 51 -8.37 -10.75 5.98
C LYS A 51 -7.80 -9.36 6.30
N LEU A 52 -8.55 -8.31 5.96
CA LEU A 52 -8.11 -6.96 6.27
C LEU A 52 -8.11 -6.74 7.77
N LEU A 53 -9.18 -7.16 8.44
CA LEU A 53 -9.27 -7.00 9.90
C LEU A 53 -8.19 -7.81 10.61
N SER A 54 -7.86 -9.00 10.08
CA SER A 54 -6.77 -9.79 10.65
C SER A 54 -5.43 -9.09 10.48
N ARG A 55 -5.20 -8.41 9.35
CA ARG A 55 -3.91 -7.69 9.21
C ARG A 55 -3.79 -6.57 10.22
N CYS A 56 -4.90 -5.87 10.51
CA CYS A 56 -4.87 -4.88 11.57
C CYS A 56 -4.42 -5.49 12.88
N ILE A 57 -4.99 -6.62 13.25
CA ILE A 57 -4.66 -7.21 14.54
C ILE A 57 -3.21 -7.70 14.58
N GLU A 58 -2.76 -8.36 13.51
CA GLU A 58 -1.40 -8.87 13.46
C GLU A 58 -0.38 -7.75 13.55
N ILE A 59 -0.56 -6.72 12.73
CA ILE A 59 0.36 -5.58 12.74
C ILE A 59 0.29 -4.87 14.07
N ASP A 60 -0.93 -4.66 14.57
CA ASP A 60 -1.10 -4.07 15.88
C ASP A 60 -0.32 -4.86 16.92
N SER A 61 -0.36 -6.20 16.79
CA SER A 61 0.37 -7.08 17.68
C SER A 61 1.88 -6.91 17.51
N ALA A 62 2.35 -6.85 16.26
CA ALA A 62 3.78 -6.69 16.04
C ALA A 62 4.28 -5.39 16.65
N ASP A 63 3.55 -4.30 16.46
CA ASP A 63 3.92 -3.03 17.07
C ASP A 63 3.99 -3.15 18.59
N LYS A 64 2.96 -3.71 19.21
CA LYS A 64 2.98 -3.74 20.67
C LYS A 64 4.04 -4.69 21.21
N SER A 65 4.43 -5.69 20.42
CA SER A 65 5.46 -6.63 20.86
C SER A 65 6.86 -6.17 20.49
N GLY A 66 7.00 -5.03 19.82
CA GLY A 66 8.29 -4.50 19.46
C GLY A 66 9.06 -5.27 18.40
N CYS A 67 8.37 -5.81 17.41
CA CYS A 67 9.11 -6.39 16.29
C CYS A 67 8.45 -5.98 14.99
N THR A 68 8.89 -6.59 13.91
CA THR A 68 8.48 -6.22 12.56
C THR A 68 7.35 -7.13 12.15
N HIS A 69 6.23 -6.56 11.70
CA HIS A 69 5.19 -7.41 11.16
C HIS A 69 5.70 -8.10 9.91
N ASN A 70 5.45 -9.40 9.82
CA ASN A 70 5.90 -10.23 8.70
C ASN A 70 5.05 -9.87 7.50
N HIS A 71 5.37 -8.73 6.88
CA HIS A 71 4.51 -8.16 5.84
C HIS A 71 4.34 -9.12 4.66
N ASP A 72 5.36 -9.95 4.36
CA ASP A 72 5.33 -10.80 3.18
C ASP A 72 5.31 -12.29 3.51
N ASP A 73 4.95 -12.64 4.75
CA ASP A 73 4.74 -14.03 5.14
C ASP A 73 5.95 -14.89 4.86
N LYS A 74 7.14 -14.36 5.16
CA LYS A 74 8.36 -15.14 5.05
C LYS A 74 8.40 -16.22 6.13
N SER A 75 9.10 -17.31 5.81
CA SER A 75 9.37 -18.36 6.80
C SER A 75 10.56 -17.96 7.68
N VAL A 76 10.70 -18.66 8.80
CA VAL A 76 11.86 -18.42 9.65
C VAL A 76 13.15 -18.74 8.92
N GLU A 77 13.17 -19.82 8.14
CA GLU A 77 14.37 -20.14 7.37
C GLU A 77 14.74 -19.00 6.45
N THR A 78 13.72 -18.36 5.85
CA THR A 78 13.95 -17.21 4.99
C THR A 78 14.45 -15.99 5.77
N ILE A 79 13.92 -15.77 6.97
CA ILE A 79 14.31 -14.59 7.73
C ILE A 79 15.78 -14.67 8.12
N LEU A 80 16.27 -15.88 8.46
CA LEU A 80 17.67 -16.07 8.82
C LEU A 80 18.57 -16.18 7.59
N VAL A 81 18.09 -16.84 6.54
CA VAL A 81 18.83 -16.88 5.29
C VAL A 81 19.01 -15.47 4.75
N GLU A 82 18.06 -14.57 5.04
CA GLU A 82 18.21 -13.17 4.66
C GLU A 82 19.23 -12.42 5.51
N SER A 83 19.75 -13.03 6.57
CA SER A 83 20.74 -12.37 7.41
C SER A 83 22.01 -13.22 7.54
N GLY A 84 22.34 -13.96 6.49
CA GLY A 84 23.59 -14.70 6.44
C GLY A 84 23.73 -15.78 7.47
N ILE A 85 22.61 -16.32 7.97
CA ILE A 85 22.62 -17.34 8.98
C ILE A 85 21.99 -18.59 8.38
N VAL A 86 22.81 -19.60 8.14
CA VAL A 86 22.38 -20.80 7.40
C VAL A 86 21.88 -21.79 8.43
N CYS A 87 20.57 -21.97 8.47
CA CYS A 87 19.89 -22.99 9.25
C CYS A 87 18.92 -23.66 8.27
N PRO A 88 19.27 -24.82 7.72
CA PRO A 88 18.30 -25.63 7.01
C PRO A 88 17.93 -26.88 7.80
N GLY A 89 16.78 -27.46 7.50
CA GLY A 89 16.26 -28.52 8.33
C GLY A 89 15.55 -27.92 9.52
N LEU A 90 14.46 -27.19 9.24
CA LEU A 90 13.62 -26.59 10.25
C LEU A 90 12.22 -26.64 9.70
N PRO A 91 11.20 -26.84 10.54
CA PRO A 91 9.82 -26.85 10.05
C PRO A 91 9.49 -25.60 9.25
N LEU A 92 8.44 -25.68 8.43
CA LEU A 92 7.93 -24.50 7.75
C LEU A 92 7.10 -23.72 8.77
N ILE A 93 7.69 -22.68 9.34
CA ILE A 93 7.01 -21.82 10.30
C ILE A 93 7.02 -20.40 9.79
N ILE A 94 5.87 -19.76 9.74
CA ILE A 94 5.68 -18.40 9.28
C ILE A 94 5.14 -17.56 10.46
N PRO A 95 5.97 -16.74 11.08
CA PRO A 95 5.50 -15.97 12.24
C PRO A 95 4.73 -14.73 11.81
N ASP A 96 3.89 -14.25 12.73
CA ASP A 96 3.23 -12.97 12.51
C ASP A 96 4.22 -11.80 12.66
N GLY A 97 5.25 -11.95 13.48
CA GLY A 97 6.26 -10.91 13.62
C GLY A 97 7.63 -11.51 13.89
N TYR A 98 8.67 -10.68 13.72
CA TYR A 98 10.02 -11.15 13.94
C TYR A 98 10.94 -9.95 14.12
N LYS A 99 12.11 -10.20 14.71
CA LYS A 99 13.15 -9.19 14.79
C LYS A 99 14.42 -9.80 15.36
N LEU A 100 15.53 -9.61 14.64
CA LEU A 100 16.82 -10.22 14.92
C LEU A 100 17.72 -9.23 15.67
N ILE A 101 18.22 -9.61 16.85
CA ILE A 101 19.26 -8.83 17.60
C ILE A 101 20.06 -9.66 18.63
N ASP A 102 21.39 -9.55 18.71
CA ASP A 102 22.24 -9.30 17.59
C ASP A 102 22.25 -10.71 17.03
N ASN A 103 22.31 -11.66 17.98
CA ASN A 103 22.10 -13.08 17.72
C ASN A 103 20.95 -13.63 18.58
N SER A 104 19.90 -12.83 18.80
CA SER A 104 18.63 -13.32 19.32
C SER A 104 17.54 -13.03 18.29
N LEU A 105 16.59 -13.94 18.17
CA LEU A 105 15.55 -13.83 17.17
C LEU A 105 14.19 -13.85 17.86
N ILE A 106 13.60 -12.66 18.02
CA ILE A 106 12.23 -12.55 18.50
C ILE A 106 11.31 -13.11 17.42
N LEU A 107 10.47 -14.07 17.81
CA LEU A 107 9.39 -14.54 16.95
C LEU A 107 8.05 -14.39 17.64
N LEU A 108 7.09 -13.82 16.93
CA LEU A 108 5.78 -13.48 17.47
C LEU A 108 4.70 -14.24 16.70
N GLU A 109 3.88 -14.98 17.43
CA GLU A 109 2.60 -15.48 16.95
C GLU A 109 1.48 -14.83 17.76
N CYS A 110 0.46 -14.31 17.07
CA CYS A 110 -0.70 -13.78 17.78
C CYS A 110 -1.99 -14.40 17.27
N PHE A 111 -3.06 -14.28 18.07
CA PHE A 111 -4.33 -14.87 17.74
C PHE A 111 -5.45 -14.20 18.55
N VAL A 112 -6.69 -14.53 18.18
CA VAL A 112 -7.87 -14.04 18.86
C VAL A 112 -8.76 -15.24 19.18
N ARG A 113 -9.12 -15.41 20.45
CA ARG A 113 -10.09 -16.42 20.83
C ARG A 113 -11.08 -15.81 21.79
N SER A 114 -12.29 -16.37 21.80
CA SER A 114 -13.42 -15.74 22.48
C SER A 114 -13.91 -16.48 23.72
N THR A 115 -13.42 -17.69 23.96
CA THR A 115 -13.72 -18.43 25.18
C THR A 115 -12.42 -18.78 25.89
N PRO A 116 -12.43 -18.84 27.22
CA PRO A 116 -11.22 -19.27 27.94
C PRO A 116 -10.64 -20.59 27.46
N ALA A 117 -11.50 -21.59 27.22
CA ALA A 117 -10.99 -22.91 26.82
C ALA A 117 -10.23 -22.83 25.51
N SER A 118 -10.81 -22.17 24.51
CA SER A 118 -10.10 -22.10 23.22
C SER A 118 -8.88 -21.19 23.32
N PHE A 119 -8.96 -20.13 24.14
CA PHE A 119 -7.81 -19.27 24.38
C PHE A 119 -6.62 -20.09 24.89
N GLU A 120 -6.81 -20.77 26.02
CA GLU A 120 -5.71 -21.56 26.58
C GLU A 120 -5.21 -22.59 25.58
N LYS A 121 -6.12 -23.36 24.98
CA LYS A 121 -5.73 -24.40 24.05
C LYS A 121 -4.89 -23.82 22.91
N LYS A 122 -5.32 -22.68 22.36
CA LYS A 122 -4.56 -22.03 21.30
C LYS A 122 -3.21 -21.53 21.81
N PHE A 123 -3.16 -21.03 23.05
CA PHE A 123 -1.91 -20.51 23.59
C PHE A 123 -0.87 -21.62 23.68
N ILE A 124 -1.28 -22.78 24.19
CA ILE A 124 -0.35 -23.90 24.29
C ILE A 124 0.12 -24.32 22.90
N GLU A 125 -0.80 -24.39 21.94
CA GLU A 125 -0.42 -24.84 20.61
C GLU A 125 0.65 -23.93 20.01
N ASP A 126 0.46 -22.61 20.07
CA ASP A 126 1.44 -21.70 19.47
C ASP A 126 2.73 -21.61 20.30
N THR A 127 2.64 -21.68 21.64
CA THR A 127 3.83 -21.89 22.46
C THR A 127 4.66 -23.07 21.95
N ASN A 128 3.99 -24.21 21.72
CA ASN A 128 4.72 -25.43 21.37
C ASN A 128 5.23 -25.38 19.93
N LYS A 129 4.49 -24.72 19.05
CA LYS A 129 4.95 -24.55 17.68
C LYS A 129 6.28 -23.80 17.65
N LEU A 130 6.41 -22.74 18.46
CA LEU A 130 7.67 -22.01 18.51
C LEU A 130 8.73 -22.78 19.27
N ALA A 131 8.36 -23.51 20.34
CA ALA A 131 9.38 -24.17 21.17
C ALA A 131 10.15 -25.24 20.40
N CYS A 132 9.50 -25.90 19.44
CA CYS A 132 10.12 -27.06 18.82
C CYS A 132 11.19 -26.70 17.79
N ILE A 133 11.48 -25.42 17.57
CA ILE A 133 12.62 -25.03 16.74
C ILE A 133 13.71 -24.34 17.56
N ARG A 134 13.55 -24.30 18.90
CA ARG A 134 14.55 -23.64 19.74
C ARG A 134 15.94 -24.20 19.53
N GLU A 135 16.04 -25.49 19.23
CA GLU A 135 17.36 -26.12 19.26
C GLU A 135 18.08 -26.01 17.92
N ASP A 136 17.35 -26.12 16.80
CA ASP A 136 17.99 -25.87 15.51
C ASP A 136 18.58 -24.47 15.46
N LEU A 137 17.87 -23.50 16.06
CA LEU A 137 18.39 -22.14 16.15
C LEU A 137 19.60 -22.06 17.08
N ALA A 138 19.66 -22.91 18.10
CA ALA A 138 20.79 -22.87 19.02
C ALA A 138 22.10 -23.23 18.32
N VAL A 139 22.05 -24.09 17.30
CA VAL A 139 23.25 -24.55 16.63
C VAL A 139 23.56 -23.65 15.44
N ALA A 140 22.80 -22.57 15.31
CA ALA A 140 22.99 -21.60 14.22
C ALA A 140 24.07 -20.50 14.41
N GLY A 141 24.38 -20.03 15.62
CA GLY A 141 23.69 -20.28 16.86
C GLY A 141 23.01 -19.00 17.30
N VAL A 142 21.69 -19.03 17.35
CA VAL A 142 20.89 -17.86 17.67
C VAL A 142 19.91 -18.20 18.80
N THR A 143 19.73 -17.26 19.71
CA THR A 143 18.79 -17.43 20.82
C THR A 143 17.37 -17.11 20.36
N LEU A 144 16.45 -18.04 20.61
CA LEU A 144 15.06 -17.82 20.25
C LEU A 144 14.34 -17.06 21.36
N VAL A 145 13.58 -16.03 20.98
CA VAL A 145 12.77 -15.31 21.96
C VAL A 145 11.29 -15.42 21.54
N PRO A 146 10.60 -16.46 21.98
CA PRO A 146 9.22 -16.70 21.51
C PRO A 146 8.24 -15.78 22.23
N ILE A 147 7.34 -15.19 21.46
CA ILE A 147 6.27 -14.38 22.02
C ILE A 147 4.96 -14.91 21.44
N VAL A 148 4.04 -15.28 22.31
CA VAL A 148 2.69 -15.60 21.91
C VAL A 148 1.77 -14.56 22.52
N ASP A 149 1.05 -13.82 21.65
CA ASP A 149 0.18 -12.72 22.07
C ASP A 149 -1.28 -13.12 21.82
N GLY A 150 -1.91 -13.69 22.85
CA GLY A 150 -3.31 -14.05 22.75
C GLY A 150 -4.21 -12.87 23.06
N ARG A 151 -5.27 -12.73 22.28
CA ARG A 151 -6.25 -11.67 22.55
C ARG A 151 -7.64 -12.27 22.66
N CYS A 152 -8.51 -11.54 23.33
CA CYS A 152 -9.86 -12.02 23.57
C CYS A 152 -10.89 -11.33 22.71
N ASP A 153 -10.51 -10.30 21.94
CA ASP A 153 -11.40 -9.61 21.02
C ASP A 153 -10.58 -9.08 19.86
N TYR A 154 -11.22 -8.28 19.00
CA TYR A 154 -10.59 -7.80 17.77
C TYR A 154 -10.18 -6.33 17.82
N ASP A 155 -10.14 -5.72 19.00
CA ASP A 155 -9.71 -4.34 19.10
C ASP A 155 -8.30 -4.18 18.57
N ASN A 156 -8.04 -3.08 17.90
CA ASN A 156 -6.68 -2.79 17.45
C ASN A 156 -6.58 -1.29 17.19
N SER A 157 -5.34 -0.83 17.03
CA SER A 157 -5.10 0.61 17.04
C SER A 157 -5.41 1.27 15.70
N PHE A 158 -5.63 0.52 14.64
CA PHE A 158 -5.89 1.11 13.34
C PHE A 158 -7.37 1.36 13.09
N MET A 159 -8.25 0.89 13.98
CA MET A 159 -9.68 1.09 13.87
C MET A 159 -10.27 1.61 15.18
N PRO A 160 -10.98 2.72 15.17
CA PRO A 160 -11.82 3.06 16.33
C PRO A 160 -12.77 1.91 16.63
N GLU A 161 -13.12 1.76 17.90
CA GLU A 161 -13.87 0.59 18.33
C GLU A 161 -15.25 0.53 17.68
N TRP A 162 -15.91 1.69 17.53
CA TRP A 162 -17.24 1.70 16.92
C TRP A 162 -17.17 1.28 15.46
N ALA A 163 -16.14 1.71 14.74
CA ALA A 163 -16.04 1.33 13.34
C ALA A 163 -15.70 -0.14 13.22
N ASN A 164 -14.81 -0.63 14.09
CA ASN A 164 -14.48 -2.05 14.15
C ASN A 164 -15.76 -2.88 14.30
N PHE A 165 -16.59 -2.51 15.26
CA PHE A 165 -17.84 -3.23 15.48
C PHE A 165 -18.78 -3.10 14.29
N LYS A 166 -18.89 -1.89 13.73
CA LYS A 166 -19.82 -1.73 12.61
C LYS A 166 -19.31 -2.49 11.39
N PHE A 167 -17.99 -2.56 11.23
CA PHE A 167 -17.41 -3.29 10.14
C PHE A 167 -17.72 -4.80 10.27
N ARG A 168 -17.43 -5.38 11.44
CA ARG A 168 -17.76 -6.78 11.68
C ARG A 168 -19.26 -7.02 11.53
N ASP A 169 -20.08 -6.06 11.98
CA ASP A 169 -21.53 -6.17 11.83
C ASP A 169 -21.94 -6.20 10.34
N LEU A 170 -21.36 -5.34 9.51
CA LEU A 170 -21.71 -5.41 8.10
C LEU A 170 -21.19 -6.70 7.47
N LEU A 171 -20.02 -7.18 7.92
CA LEU A 171 -19.50 -8.43 7.39
C LEU A 171 -20.44 -9.58 7.72
N PHE A 172 -20.92 -9.63 8.96
CA PHE A 172 -21.94 -10.62 9.32
C PHE A 172 -23.15 -10.55 8.39
N LYS A 173 -23.67 -9.34 8.12
CA LYS A 173 -24.83 -9.27 7.22
C LYS A 173 -24.45 -9.73 5.82
N LEU A 174 -23.19 -9.57 5.45
CA LEU A 174 -22.78 -9.95 4.11
C LEU A 174 -22.62 -11.46 4.00
N LEU A 175 -22.17 -12.10 5.08
CA LEU A 175 -22.01 -13.55 5.06
C LEU A 175 -23.37 -14.23 5.18
N GLU A 176 -24.17 -13.75 6.12
CA GLU A 176 -25.50 -14.25 6.41
C GLU A 176 -26.46 -13.71 5.37
N TYR A 177 -25.93 -13.46 4.17
CA TYR A 177 -26.73 -13.11 3.00
C TYR A 177 -26.22 -13.91 1.82
N SER A 178 -24.91 -13.80 1.56
CA SER A 178 -24.29 -14.68 0.59
C SER A 178 -24.34 -16.14 1.02
N ASN A 179 -24.74 -16.41 2.27
CA ASN A 179 -25.22 -17.73 2.65
C ASN A 179 -26.66 -17.95 2.21
N GLN A 180 -27.21 -17.08 1.36
CA GLN A 180 -28.46 -17.40 0.67
C GLN A 180 -28.26 -17.48 -0.83
N ASP A 181 -27.30 -16.73 -1.36
CA ASP A 181 -26.99 -16.78 -2.78
C ASP A 181 -26.31 -18.09 -3.16
N GLU A 182 -25.50 -18.67 -2.28
CA GLU A 182 -24.98 -19.99 -2.61
C GLU A 182 -26.04 -21.06 -2.39
N LYS A 183 -27.04 -20.81 -1.54
CA LYS A 183 -28.11 -21.77 -1.37
C LYS A 183 -29.06 -21.74 -2.55
N VAL A 184 -29.43 -20.55 -3.01
CA VAL A 184 -30.11 -20.40 -4.28
C VAL A 184 -29.27 -20.99 -5.42
N PHE A 185 -27.95 -20.88 -5.32
CA PHE A 185 -27.11 -21.47 -6.36
C PHE A 185 -27.27 -22.99 -6.42
N GLU A 186 -27.40 -23.65 -5.27
CA GLU A 186 -27.53 -25.12 -5.29
C GLU A 186 -28.81 -25.62 -5.92
N GLU A 187 -29.74 -24.73 -6.29
CA GLU A 187 -30.93 -25.11 -7.03
C GLU A 187 -30.87 -24.64 -8.47
N SER A 188 -29.70 -24.17 -8.93
CA SER A 188 -29.64 -23.50 -10.22
C SER A 188 -29.94 -24.43 -11.37
N GLU A 189 -28.99 -25.32 -11.69
CA GLU A 189 -28.86 -26.04 -12.96
C GLU A 189 -27.38 -26.02 -13.28
N TYR A 190 -26.77 -24.84 -13.20
CA TYR A 190 -25.33 -24.75 -13.25
C TYR A 190 -24.72 -25.55 -12.11
N PHE A 191 -25.37 -25.56 -10.96
CA PHE A 191 -24.99 -26.50 -9.90
C PHE A 191 -25.19 -27.94 -10.36
N ARG A 192 -26.36 -28.28 -10.89
CA ARG A 192 -26.56 -29.63 -11.40
C ARG A 192 -25.62 -29.93 -12.55
N LEU A 193 -25.24 -28.90 -13.33
CA LEU A 193 -24.31 -29.08 -14.45
C LEU A 193 -22.88 -29.18 -13.98
N CYS A 194 -22.54 -28.51 -12.87
CA CYS A 194 -21.32 -28.85 -12.14
C CYS A 194 -21.38 -30.29 -11.65
N GLU A 195 -22.49 -30.64 -10.98
CA GLU A 195 -22.66 -32.00 -10.46
C GLU A 195 -22.46 -33.04 -11.55
N SER A 196 -23.02 -32.79 -12.74
CA SER A 196 -22.78 -33.65 -13.88
C SER A 196 -21.38 -33.46 -14.46
N LEU A 197 -20.68 -32.39 -14.11
CA LEU A 197 -19.34 -32.20 -14.65
C LEU A 197 -18.32 -33.11 -13.95
N LYS A 198 -18.41 -33.24 -12.61
CA LYS A 198 -17.49 -34.13 -11.88
C LYS A 198 -17.63 -35.59 -12.31
N THR A 199 -18.88 -36.08 -12.43
CA THR A 199 -19.10 -37.48 -12.83
C THR A 199 -18.43 -37.81 -14.17
N THR A 200 -18.23 -36.81 -15.02
CA THR A 200 -17.58 -37.00 -16.31
C THR A 200 -16.05 -37.03 -16.20
N ILE A 201 -15.48 -36.39 -15.18
CA ILE A 201 -14.03 -36.40 -14.96
C ILE A 201 -13.66 -37.36 -13.82
N ASP A 202 -14.40 -37.36 -12.73
CA ASP A 202 -14.16 -38.27 -11.61
C ASP A 202 -14.89 -39.61 -11.78
N HIS B 8 -18.40 14.91 -13.33
CA HIS B 8 -19.40 14.38 -12.41
C HIS B 8 -19.02 12.98 -11.89
N ASP B 9 -20.03 12.19 -11.53
CA ASP B 9 -19.79 10.95 -10.81
C ASP B 9 -19.44 9.79 -11.74
N GLU B 10 -20.07 9.67 -12.90
CA GLU B 10 -19.70 8.55 -13.78
C GLU B 10 -18.25 8.68 -14.25
N ILE B 11 -17.72 9.90 -14.35
CA ILE B 11 -16.30 10.06 -14.64
C ILE B 11 -15.46 9.58 -13.46
N ILE B 12 -15.87 9.95 -12.24
CA ILE B 12 -15.13 9.50 -11.08
C ILE B 12 -15.27 7.99 -10.94
N SER B 13 -16.38 7.43 -11.38
CA SER B 13 -16.60 6.00 -11.24
C SER B 13 -15.76 5.20 -12.24
N GLU B 14 -15.69 5.64 -13.50
CA GLU B 14 -14.88 4.84 -14.43
C GLU B 14 -13.39 5.06 -14.21
N LEU B 15 -12.97 6.25 -13.76
CA LEU B 15 -11.62 6.43 -13.25
C LEU B 15 -11.29 5.44 -12.14
N ARG B 16 -12.26 5.18 -11.24
CA ARG B 16 -12.03 4.26 -10.14
C ARG B 16 -11.72 2.87 -10.66
N GLU B 17 -12.44 2.45 -11.70
CA GLU B 17 -12.29 1.11 -12.24
C GLU B 17 -11.01 0.96 -13.06
N LEU B 18 -10.56 2.04 -13.72
CA LEU B 18 -9.27 1.99 -14.40
C LEU B 18 -8.15 1.81 -13.41
N CYS B 19 -8.16 2.60 -12.34
CA CYS B 19 -7.19 2.46 -11.25
C CYS B 19 -7.16 1.05 -10.69
N LEU B 20 -8.32 0.43 -10.51
CA LEU B 20 -8.36 -0.86 -9.84
C LEU B 20 -8.04 -2.01 -10.77
N ASN B 21 -8.43 -1.91 -12.05
CA ASN B 21 -8.31 -3.04 -12.94
C ASN B 21 -7.20 -2.94 -13.98
N TYR B 22 -6.71 -1.73 -14.29
CA TYR B 22 -5.78 -1.57 -15.40
C TYR B 22 -4.52 -0.79 -15.02
N ILE B 23 -4.22 -0.67 -13.73
CA ILE B 23 -2.90 -0.27 -13.28
C ILE B 23 -2.31 -1.44 -12.52
N GLU B 24 -1.23 -2.02 -13.06
CA GLU B 24 -0.60 -3.19 -12.45
C GLU B 24 -0.32 -2.94 -10.99
N GLN B 25 -0.43 -4.01 -10.19
CA GLN B 25 -0.42 -3.90 -8.74
C GLN B 25 1.00 -4.07 -8.19
N ASP B 26 1.85 -3.14 -8.59
CA ASP B 26 3.12 -2.91 -7.92
C ASP B 26 2.84 -2.20 -6.60
N GLU B 27 3.42 -2.71 -5.50
CA GLU B 27 3.08 -2.17 -4.18
C GLU B 27 3.57 -0.76 -3.96
N ARG B 28 4.51 -0.27 -4.77
CA ARG B 28 4.98 1.10 -4.59
C ARG B 28 3.90 2.11 -4.94
N LEU B 29 2.89 1.67 -5.72
CA LEU B 29 1.79 2.49 -6.14
C LEU B 29 0.62 2.44 -5.18
N SER B 30 0.57 1.39 -4.36
CA SER B 30 -0.57 1.09 -3.50
C SER B 30 -1.04 2.30 -2.73
N ARG B 31 -0.14 2.95 -2.00
CA ARG B 31 -0.62 4.06 -1.17
C ARG B 31 -1.26 5.13 -2.05
N GLN B 32 -0.60 5.51 -3.15
CA GLN B 32 -1.14 6.58 -4.00
C GLN B 32 -2.45 6.15 -4.64
N LYS B 33 -2.54 4.90 -5.13
CA LYS B 33 -3.83 4.41 -5.63
C LYS B 33 -4.94 4.62 -4.60
N LEU B 34 -4.65 4.35 -3.32
CA LEU B 34 -5.65 4.47 -2.28
C LEU B 34 -6.02 5.94 -2.00
N ASN B 35 -5.04 6.86 -1.93
CA ASN B 35 -5.41 8.26 -1.80
C ASN B 35 -6.29 8.70 -2.96
N PHE B 36 -6.01 8.20 -4.16
CA PHE B 36 -6.84 8.53 -5.31
C PHE B 36 -8.25 7.99 -5.15
N LEU B 37 -8.36 6.72 -4.71
CA LEU B 37 -9.68 6.09 -4.58
C LEU B 37 -10.51 6.71 -3.48
N GLY B 38 -9.91 7.47 -2.57
CA GLY B 38 -10.62 8.12 -1.48
C GLY B 38 -11.15 9.50 -1.78
N GLN B 39 -10.88 10.05 -2.97
CA GLN B 39 -11.32 11.39 -3.31
C GLN B 39 -12.74 11.40 -3.85
N ARG B 40 -13.56 12.31 -3.33
CA ARG B 40 -14.87 12.51 -3.90
C ARG B 40 -14.97 13.77 -4.74
N GLU B 41 -14.10 14.75 -4.53
CA GLU B 41 -14.57 15.86 -5.34
C GLU B 41 -13.59 16.20 -6.46
N PRO B 42 -14.15 16.56 -7.66
CA PRO B 42 -13.35 16.62 -8.89
C PRO B 42 -11.95 17.17 -8.75
N ARG B 43 -11.82 18.29 -8.05
CA ARG B 43 -10.52 18.92 -7.87
C ARG B 43 -9.51 17.95 -7.28
N MET B 44 -9.93 17.26 -6.21
CA MET B 44 -9.02 16.35 -5.51
C MET B 44 -8.77 15.08 -6.32
N VAL B 45 -9.80 14.59 -7.03
CA VAL B 45 -9.60 13.47 -7.94
C VAL B 45 -8.54 13.81 -8.97
N LEU B 46 -8.53 15.07 -9.43
CA LEU B 46 -7.61 15.47 -10.48
C LEU B 46 -6.17 15.54 -9.98
N ILE B 47 -5.96 16.12 -8.79
CA ILE B 47 -4.58 16.26 -8.32
C ILE B 47 -4.00 14.90 -7.99
N GLU B 48 -4.76 14.07 -7.25
CA GLU B 48 -4.33 12.71 -6.95
C GLU B 48 -4.22 11.87 -8.22
N GLY B 49 -5.14 12.07 -9.17
CA GLY B 49 -4.98 11.43 -10.47
C GLY B 49 -3.65 11.76 -11.11
N LEU B 50 -3.27 13.03 -11.10
CA LEU B 50 -2.02 13.42 -11.74
C LEU B 50 -0.83 12.91 -10.94
N LYS B 51 -0.94 12.98 -9.61
CA LYS B 51 0.13 12.44 -8.77
C LYS B 51 0.32 10.95 -9.07
N LEU B 52 -0.79 10.23 -9.29
CA LEU B 52 -0.72 8.80 -9.54
C LEU B 52 -0.01 8.50 -10.85
N LEU B 53 -0.36 9.23 -11.93
CA LEU B 53 0.38 9.08 -13.19
C LEU B 53 1.84 9.42 -13.00
N SER B 54 2.14 10.45 -12.20
CA SER B 54 3.54 10.80 -11.95
C SER B 54 4.28 9.70 -11.21
N ARG B 55 3.62 9.06 -10.22
CA ARG B 55 4.28 7.98 -9.48
C ARG B 55 4.67 6.84 -10.39
N CYS B 56 3.76 6.44 -11.30
CA CYS B 56 4.11 5.46 -12.31
C CYS B 56 5.38 5.85 -13.03
N ILE B 57 5.45 7.10 -13.47
CA ILE B 57 6.59 7.53 -14.27
C ILE B 57 7.85 7.60 -13.41
N GLU B 58 7.75 8.20 -12.21
CA GLU B 58 8.89 8.19 -11.31
C GLU B 58 9.38 6.78 -11.04
N ILE B 59 8.45 5.84 -10.86
CA ILE B 59 8.88 4.49 -10.50
C ILE B 59 9.59 3.83 -11.67
N ASP B 60 9.10 4.06 -12.90
CA ASP B 60 9.81 3.57 -14.07
C ASP B 60 11.21 4.16 -14.15
N SER B 61 11.31 5.48 -13.96
CA SER B 61 12.61 6.14 -14.01
C SER B 61 13.57 5.54 -12.97
N ALA B 62 13.10 5.37 -11.73
CA ALA B 62 13.97 4.79 -10.71
C ALA B 62 14.44 3.41 -11.15
N ASP B 63 13.54 2.61 -11.75
CA ASP B 63 13.92 1.27 -12.15
C ASP B 63 14.85 1.29 -13.36
N LYS B 64 14.69 2.27 -14.26
CA LYS B 64 15.61 2.40 -15.38
C LYS B 64 16.97 2.93 -14.91
N SER B 65 16.99 3.75 -13.88
CA SER B 65 18.19 4.45 -13.47
C SER B 65 18.95 3.73 -12.37
N GLY B 66 18.54 2.52 -12.03
CA GLY B 66 19.30 1.74 -11.06
C GLY B 66 19.31 2.30 -9.65
N CYS B 67 18.29 3.07 -9.27
CA CYS B 67 18.22 3.58 -7.91
C CYS B 67 16.83 3.38 -7.30
N THR B 68 16.75 3.68 -6.02
CA THR B 68 15.54 3.46 -5.25
C THR B 68 14.57 4.63 -5.42
N HIS B 69 13.30 4.32 -5.64
CA HIS B 69 12.28 5.36 -5.72
C HIS B 69 12.02 5.97 -4.34
N ASN B 70 11.87 7.29 -4.31
CA ASN B 70 11.72 8.03 -3.04
C ASN B 70 10.25 7.96 -2.59
N HIS B 71 9.86 6.77 -2.11
CA HIS B 71 8.47 6.47 -1.80
C HIS B 71 7.93 7.36 -0.68
N ASP B 72 8.68 7.54 0.40
CA ASP B 72 8.22 8.32 1.53
C ASP B 72 8.51 9.81 1.39
N ASP B 73 8.92 10.24 0.21
CA ASP B 73 9.32 11.63 -0.02
C ASP B 73 10.40 12.07 0.98
N LYS B 74 11.33 11.15 1.26
CA LYS B 74 12.48 11.47 2.08
C LYS B 74 13.31 12.61 1.47
N SER B 75 14.06 13.24 2.34
CA SER B 75 14.94 14.35 2.00
C SER B 75 16.38 13.88 1.90
N VAL B 76 17.20 14.65 1.18
CA VAL B 76 18.60 14.22 1.00
C VAL B 76 19.26 14.11 2.37
N GLU B 77 19.08 15.14 3.20
CA GLU B 77 19.31 15.11 4.64
C GLU B 77 19.04 13.72 5.23
N THR B 78 17.78 13.27 5.11
CA THR B 78 17.39 12.01 5.73
C THR B 78 18.11 10.82 5.10
N ILE B 79 18.12 10.75 3.77
CA ILE B 79 18.73 9.61 3.08
C ILE B 79 20.14 9.38 3.59
N LEU B 80 20.86 10.47 3.85
CA LEU B 80 22.25 10.35 4.25
C LEU B 80 22.37 9.87 5.70
N VAL B 81 21.64 10.51 6.61
CA VAL B 81 21.70 10.09 8.01
C VAL B 81 21.32 8.63 8.16
N GLU B 82 20.44 8.12 7.29
CA GLU B 82 20.11 6.70 7.34
C GLU B 82 21.29 5.83 6.89
N SER B 83 22.23 6.40 6.14
CA SER B 83 23.46 5.71 5.76
C SER B 83 24.64 6.12 6.62
N GLY B 84 24.43 6.95 7.64
CA GLY B 84 25.48 7.34 8.55
C GLY B 84 26.28 8.56 8.17
N ILE B 85 25.79 9.38 7.23
CA ILE B 85 26.49 10.60 6.82
C ILE B 85 25.82 11.77 7.51
N VAL B 86 26.49 12.36 8.49
CA VAL B 86 26.01 13.58 9.12
C VAL B 86 26.55 14.74 8.28
N CYS B 87 25.65 15.43 7.59
CA CYS B 87 26.00 16.52 6.70
C CYS B 87 24.91 17.58 6.80
N PRO B 88 24.87 18.31 7.91
CA PRO B 88 23.84 19.33 8.07
C PRO B 88 24.13 20.57 7.23
N GLY B 89 23.15 21.46 7.19
CA GLY B 89 23.29 22.67 6.41
C GLY B 89 22.93 22.55 4.96
N LEU B 90 22.13 21.46 4.56
CA LEU B 90 21.80 21.31 3.15
C LEU B 90 20.40 21.82 2.88
N PRO B 91 20.21 22.49 1.74
CA PRO B 91 18.85 22.94 1.37
C PRO B 91 17.89 21.77 1.32
N LEU B 92 16.61 22.06 1.48
CA LEU B 92 15.60 21.00 1.49
C LEU B 92 15.38 20.54 0.05
N ILE B 93 16.05 19.45 -0.32
CA ILE B 93 15.95 18.84 -1.64
C ILE B 93 15.36 17.45 -1.47
N ILE B 94 14.34 17.16 -2.26
CA ILE B 94 13.64 15.88 -2.14
C ILE B 94 13.61 15.22 -3.52
N PRO B 95 14.42 14.18 -3.75
CA PRO B 95 14.52 13.59 -5.08
C PRO B 95 13.39 12.63 -5.38
N ASP B 96 13.24 12.32 -6.67
CA ASP B 96 12.33 11.26 -7.04
C ASP B 96 12.97 9.89 -6.85
N GLY B 97 14.28 9.81 -6.97
CA GLY B 97 14.99 8.58 -6.69
C GLY B 97 16.32 8.88 -6.04
N TYR B 98 16.91 7.83 -5.45
CA TYR B 98 18.20 7.97 -4.79
C TYR B 98 18.84 6.59 -4.70
N LYS B 99 20.17 6.56 -4.65
CA LYS B 99 20.89 5.34 -4.30
C LYS B 99 22.28 5.77 -3.82
N LEU B 100 22.52 5.67 -2.52
CA LEU B 100 23.86 5.81 -2.00
C LEU B 100 24.63 4.52 -2.28
N ILE B 101 25.80 4.67 -2.87
CA ILE B 101 26.54 3.52 -3.39
C ILE B 101 28.02 3.83 -3.25
N ASP B 102 28.74 3.01 -2.48
CA ASP B 102 30.04 3.38 -1.96
C ASP B 102 29.91 4.77 -1.33
N ASN B 103 30.61 5.77 -1.86
CA ASN B 103 30.51 7.12 -1.34
C ASN B 103 29.98 8.08 -2.41
N SER B 104 29.17 7.59 -3.32
CA SER B 104 28.53 8.40 -4.34
C SER B 104 27.02 8.36 -4.14
N LEU B 105 26.38 9.52 -4.19
CA LEU B 105 24.94 9.63 -4.00
C LEU B 105 24.30 9.92 -5.35
N ILE B 106 23.66 8.91 -5.92
CA ILE B 106 22.84 9.07 -7.11
C ILE B 106 21.54 9.74 -6.70
N LEU B 107 21.26 10.90 -7.29
CA LEU B 107 19.99 11.59 -7.06
C LEU B 107 19.27 11.74 -8.39
N LEU B 108 17.99 11.36 -8.41
CA LEU B 108 17.21 11.27 -9.63
C LEU B 108 16.07 12.29 -9.58
N GLU B 109 16.02 13.16 -10.59
CA GLU B 109 14.88 14.02 -10.81
C GLU B 109 14.18 13.58 -12.10
N CYS B 110 12.88 13.40 -12.01
CA CYS B 110 12.06 12.80 -13.07
C CYS B 110 10.88 13.71 -13.35
N PHE B 111 10.57 13.90 -14.64
CA PHE B 111 9.49 14.83 -15.02
C PHE B 111 8.93 14.49 -16.41
N VAL B 112 7.78 15.12 -16.73
CA VAL B 112 7.11 15.02 -18.03
C VAL B 112 6.87 16.42 -18.60
N ARG B 113 7.22 16.62 -19.87
CA ARG B 113 6.79 17.81 -20.61
C ARG B 113 6.43 17.42 -22.06
N SER B 114 5.77 18.33 -22.77
CA SER B 114 5.13 18.02 -24.04
C SER B 114 5.43 19.01 -25.15
N THR B 115 6.27 20.01 -24.91
CA THR B 115 6.77 20.84 -25.98
C THR B 115 8.26 20.94 -25.81
N PRO B 116 9.04 21.04 -26.90
CA PRO B 116 10.49 21.20 -26.74
C PRO B 116 10.85 22.37 -25.84
N ALA B 117 10.17 23.52 -26.00
CA ALA B 117 10.50 24.69 -25.20
C ALA B 117 10.31 24.44 -23.70
N SER B 118 9.18 23.85 -23.33
CA SER B 118 8.96 23.61 -21.91
C SER B 118 9.72 22.39 -21.43
N PHE B 119 10.11 21.50 -22.35
CA PHE B 119 10.99 20.40 -21.99
C PHE B 119 12.36 20.93 -21.58
N GLU B 120 12.96 21.77 -22.43
CA GLU B 120 14.30 22.27 -22.15
C GLU B 120 14.33 23.07 -20.86
N LYS B 121 13.33 23.93 -20.66
CA LYS B 121 13.27 24.76 -19.46
C LYS B 121 13.28 23.90 -18.21
N LYS B 122 12.32 22.97 -18.10
CA LYS B 122 12.25 22.11 -16.93
C LYS B 122 13.51 21.25 -16.77
N PHE B 123 14.22 20.96 -17.87
CA PHE B 123 15.43 20.16 -17.75
C PHE B 123 16.53 20.93 -17.04
N ILE B 124 16.79 22.17 -17.48
CA ILE B 124 17.76 23.03 -16.81
C ILE B 124 17.40 23.23 -15.35
N GLU B 125 16.11 23.45 -15.05
CA GLU B 125 15.71 23.71 -13.67
C GLU B 125 16.10 22.56 -12.75
N ASP B 126 15.72 21.32 -13.10
CA ASP B 126 16.09 20.17 -12.30
C ASP B 126 17.59 19.95 -12.28
N THR B 127 18.29 20.29 -13.37
CA THR B 127 19.74 20.23 -13.33
C THR B 127 20.29 21.15 -12.25
N ASN B 128 19.94 22.44 -12.31
CA ASN B 128 20.44 23.37 -11.31
C ASN B 128 19.94 22.99 -9.92
N LYS B 129 18.74 22.43 -9.82
CA LYS B 129 18.22 22.04 -8.51
C LYS B 129 19.20 21.12 -7.78
N LEU B 130 19.62 20.03 -8.43
CA LEU B 130 20.57 19.14 -7.78
C LEU B 130 21.98 19.73 -7.72
N ALA B 131 22.41 20.41 -8.78
CA ALA B 131 23.80 20.87 -8.85
C ALA B 131 24.17 21.77 -7.68
N CYS B 132 23.20 22.51 -7.14
CA CYS B 132 23.53 23.50 -6.12
C CYS B 132 23.70 22.88 -4.74
N ILE B 133 23.64 21.55 -4.63
CA ILE B 133 24.02 20.86 -3.42
C ILE B 133 25.24 19.97 -3.64
N ARG B 134 25.91 20.09 -4.80
CA ARG B 134 27.06 19.24 -5.09
C ARG B 134 28.21 19.48 -4.13
N GLU B 135 28.52 20.75 -3.85
CA GLU B 135 29.70 21.08 -3.05
C GLU B 135 29.52 20.62 -1.62
N ASP B 136 28.36 20.92 -1.02
CA ASP B 136 28.12 20.53 0.36
C ASP B 136 28.04 19.02 0.51
N LEU B 137 27.79 18.30 -0.57
CA LEU B 137 27.97 16.86 -0.50
C LEU B 137 29.46 16.51 -0.50
N ALA B 138 30.25 17.21 -1.32
CA ALA B 138 31.69 16.97 -1.34
C ALA B 138 32.32 17.29 0.00
N VAL B 139 31.81 18.30 0.72
CA VAL B 139 32.33 18.55 2.07
C VAL B 139 32.18 17.29 2.91
N ALA B 140 31.06 16.58 2.76
CA ALA B 140 30.76 15.43 3.59
C ALA B 140 31.39 14.14 3.06
N GLY B 141 32.15 14.21 1.99
CA GLY B 141 32.74 13.03 1.40
C GLY B 141 32.05 12.59 0.12
N VAL B 142 30.73 12.73 0.07
CA VAL B 142 29.94 12.08 -0.98
C VAL B 142 30.00 12.88 -2.28
N THR B 143 30.28 12.20 -3.38
CA THR B 143 30.21 12.83 -4.69
C THR B 143 28.80 12.66 -5.24
N LEU B 144 28.22 13.78 -5.69
CA LEU B 144 26.88 13.77 -6.24
C LEU B 144 26.87 13.15 -7.64
N VAL B 145 25.93 12.24 -7.87
CA VAL B 145 25.72 11.73 -9.23
C VAL B 145 24.31 12.14 -9.64
N PRO B 146 24.14 13.31 -10.26
CA PRO B 146 22.79 13.85 -10.49
C PRO B 146 22.22 13.39 -11.81
N ILE B 147 21.08 12.73 -11.79
CA ILE B 147 20.42 12.27 -13.01
C ILE B 147 19.10 13.00 -13.18
N VAL B 148 18.94 13.70 -14.30
CA VAL B 148 17.67 14.28 -14.68
C VAL B 148 17.12 13.49 -15.86
N ASP B 149 15.98 12.85 -15.66
CA ASP B 149 15.33 12.06 -16.68
C ASP B 149 14.01 12.74 -17.08
N GLY B 150 14.03 13.44 -18.21
CA GLY B 150 12.83 14.04 -18.76
C GLY B 150 12.16 13.15 -19.81
N ARG B 151 10.84 13.12 -19.75
CA ARG B 151 10.02 12.30 -20.63
C ARG B 151 9.18 13.23 -21.49
N CYS B 152 8.72 12.71 -22.62
CA CYS B 152 7.88 13.50 -23.51
C CYS B 152 6.40 13.19 -23.37
N ASP B 153 6.06 12.14 -22.64
CA ASP B 153 4.69 11.66 -22.54
C ASP B 153 4.58 10.80 -21.27
N TYR B 154 3.38 10.28 -21.04
CA TYR B 154 3.07 9.57 -19.81
C TYR B 154 3.23 8.07 -19.92
N ASP B 155 3.71 7.56 -21.04
CA ASP B 155 3.92 6.13 -21.17
C ASP B 155 4.70 5.59 -19.98
N ASN B 156 4.15 4.57 -19.34
CA ASN B 156 4.77 3.94 -18.19
C ASN B 156 4.48 2.46 -18.27
N SER B 157 5.20 1.68 -17.46
CA SER B 157 5.14 0.23 -17.61
C SER B 157 3.99 -0.39 -16.84
N PHE B 158 3.20 0.40 -16.13
CA PHE B 158 2.17 -0.14 -15.27
C PHE B 158 0.78 -0.13 -15.90
N MET B 159 0.60 0.58 -17.02
CA MET B 159 -0.69 0.69 -17.69
C MET B 159 -0.56 0.37 -19.18
N PRO B 160 -1.54 -0.35 -19.75
CA PRO B 160 -1.66 -0.36 -21.21
C PRO B 160 -1.83 1.05 -21.72
N GLU B 161 -1.46 1.25 -22.97
CA GLU B 161 -1.54 2.58 -23.55
C GLU B 161 -2.99 3.08 -23.64
N TRP B 162 -3.93 2.21 -24.04
CA TRP B 162 -5.32 2.65 -24.16
C TRP B 162 -5.86 3.13 -22.81
N ALA B 163 -5.57 2.39 -21.73
CA ALA B 163 -5.95 2.83 -20.39
C ALA B 163 -5.28 4.13 -19.99
N ASN B 164 -3.96 4.23 -20.20
CA ASN B 164 -3.27 5.48 -19.92
C ASN B 164 -3.97 6.63 -20.62
N PHE B 165 -4.34 6.44 -21.89
CA PHE B 165 -5.04 7.50 -22.59
C PHE B 165 -6.42 7.76 -21.99
N LYS B 166 -7.16 6.71 -21.62
CA LYS B 166 -8.52 6.90 -21.13
C LYS B 166 -8.52 7.59 -19.77
N PHE B 167 -7.57 7.22 -18.93
CA PHE B 167 -7.39 7.91 -17.65
C PHE B 167 -7.13 9.40 -17.87
N ARG B 168 -6.17 9.75 -18.73
CA ARG B 168 -5.88 11.16 -18.98
C ARG B 168 -7.07 11.87 -19.63
N ASP B 169 -7.76 11.20 -20.55
CA ASP B 169 -8.96 11.77 -21.15
C ASP B 169 -10.04 11.98 -20.10
N LEU B 170 -10.13 11.10 -19.10
CA LEU B 170 -11.13 11.28 -18.04
C LEU B 170 -10.71 12.40 -17.09
N LEU B 171 -9.44 12.44 -16.70
CA LEU B 171 -8.96 13.56 -15.89
C LEU B 171 -9.13 14.88 -16.64
N PHE B 172 -8.86 14.87 -17.94
CA PHE B 172 -8.99 16.08 -18.72
C PHE B 172 -10.42 16.62 -18.69
N LYS B 173 -11.42 15.74 -18.73
CA LYS B 173 -12.78 16.25 -18.70
C LYS B 173 -13.16 16.83 -17.35
N LEU B 174 -12.52 16.37 -16.27
CA LEU B 174 -12.66 17.06 -14.99
C LEU B 174 -12.06 18.47 -15.05
N LEU B 175 -10.93 18.61 -15.74
CA LEU B 175 -10.25 19.90 -15.82
C LEU B 175 -11.12 20.91 -16.55
N GLU B 176 -11.64 20.53 -17.72
CA GLU B 176 -12.49 21.45 -18.48
C GLU B 176 -13.82 21.69 -17.81
N TYR B 177 -14.30 20.73 -17.01
CA TYR B 177 -15.53 20.96 -16.25
C TYR B 177 -15.35 22.08 -15.24
N SER B 178 -14.20 22.13 -14.55
CA SER B 178 -13.94 23.22 -13.62
C SER B 178 -13.94 24.54 -14.38
N ASN B 179 -15.15 25.09 -14.58
CA ASN B 179 -15.40 26.31 -15.35
C ASN B 179 -16.60 27.06 -14.78
N GLN B 180 -17.80 26.55 -15.04
CA GLN B 180 -19.04 27.05 -14.45
C GLN B 180 -19.30 28.51 -14.80
N ASP B 181 -19.01 28.90 -16.05
CA ASP B 181 -19.22 30.27 -16.51
C ASP B 181 -18.52 31.25 -15.57
N GLU B 182 -19.20 31.58 -14.46
CA GLU B 182 -18.64 32.24 -13.28
C GLU B 182 -18.02 33.60 -13.60
N LYS B 183 -16.95 33.61 -14.40
CA LYS B 183 -16.29 34.85 -14.81
C LYS B 183 -17.23 35.79 -15.55
N VAL B 184 -18.44 35.34 -15.87
CA VAL B 184 -19.48 36.17 -16.48
C VAL B 184 -20.42 36.68 -15.38
N PHE B 185 -19.84 36.97 -14.21
CA PHE B 185 -20.58 37.49 -13.06
C PHE B 185 -19.59 37.98 -12.00
N GLU B 186 -18.30 37.99 -12.36
CA GLU B 186 -17.21 38.39 -11.48
C GLU B 186 -17.51 39.73 -10.79
N GLU B 187 -17.25 40.84 -11.49
CA GLU B 187 -17.56 42.14 -10.92
C GLU B 187 -19.05 42.31 -10.64
N SER B 188 -19.91 41.58 -11.36
CA SER B 188 -21.37 41.71 -11.23
C SER B 188 -21.89 41.33 -9.84
N GLU B 189 -20.98 41.02 -8.91
CA GLU B 189 -21.26 40.99 -7.48
C GLU B 189 -19.95 40.91 -6.70
N TYR B 190 -19.02 40.04 -7.13
CA TYR B 190 -17.76 39.85 -6.42
C TYR B 190 -16.96 41.14 -6.39
N PHE B 191 -16.38 41.54 -7.52
CA PHE B 191 -15.69 42.83 -7.57
C PHE B 191 -16.73 43.95 -7.43
N ARG B 192 -17.28 44.09 -6.21
CA ARG B 192 -18.32 45.07 -5.88
C ARG B 192 -18.64 44.98 -4.40
N LEU B 193 -17.63 44.60 -3.59
CA LEU B 193 -17.81 44.37 -2.16
C LEU B 193 -17.22 45.51 -1.32
N CYS B 194 -15.91 45.76 -1.44
CA CYS B 194 -15.30 46.91 -0.79
C CYS B 194 -15.56 48.21 -1.55
N GLU B 195 -16.53 48.20 -2.47
CA GLU B 195 -16.81 49.35 -3.31
C GLU B 195 -17.47 50.48 -2.51
#